data_2LVY
#
_entry.id   2LVY
#
loop_
_entity.id
_entity.type
_entity.pdbx_description
1 polymer "RNA (5'-R(*CP*GP*CP*(UPV)P*AP*CP*GP*CP*T)-3')"
2 polymer "RNA (5'-R(*GP*CP*GP*UP*AP*GP*CP*GP*T)-3')"
#
loop_
_entity_poly.entity_id
_entity_poly.type
_entity_poly.pdbx_seq_one_letter_code
_entity_poly.pdbx_strand_id
1 'polyribonucleotide' CGC(UPV)ACGC(DT) A
2 'polyribonucleotide' GCGUAGCG(DT) B
#
loop_
_chem_comp.id
_chem_comp.type
_chem_comp.name
_chem_comp.formula
A RNA linking ADENOSINE-5'-MONOPHOSPHATE 'C10 H14 N5 O7 P'
C RNA linking CYTIDINE-5'-MONOPHOSPHATE 'C9 H14 N3 O8 P'
DT DNA linking THYMIDINE-5'-MONOPHOSPHATE 'C10 H15 N2 O8 P'
G RNA linking GUANOSINE-5'-MONOPHOSPHATE 'C10 H14 N5 O8 P'
U RNA linking URIDINE-5'-MONOPHOSPHATE 'C9 H13 N2 O9 P'
UPV RNA linking '2'-O-{[(2,2-dimethylpropanoyl)oxy]methyl}uridine 5'-(dihydrogen phosphate)' 'C15 H23 N2 O11 P'
#
# COMPACT_ATOMS: atom_id res chain seq x y z
P UPV A 4 -5.59 -4.93 3.25
N1 UPV A 4 -1.38 -1.91 3.21
C2 UPV A 4 -0.16 -1.42 3.64
O2 UPV A 4 0.47 -0.56 3.04
N3 UPV A 4 0.35 -2.02 4.79
C4 UPV A 4 -0.26 -3.02 5.53
O4 UPV A 4 0.28 -3.47 6.54
C5 UPV A 4 -1.54 -3.44 5.01
C6 UPV A 4 -2.05 -2.88 3.89
CA UPV A 4 0.01 -0.29 -0.21
CB UPV A 4 0.58 1.98 -0.12
CG UPV A 4 1.30 2.83 0.94
C1' UPV A 4 -1.94 -1.31 1.97
C2' UPV A 4 -1.43 -2.03 0.74
O2' UPV A 4 -1.26 -1.14 -0.37
C3' UPV A 4 -2.54 -3.05 0.47
O3' UPV A 4 -2.62 -3.41 -0.91
C4' UPV A 4 -3.77 -2.26 0.91
O4' UPV A 4 -3.37 -1.39 1.98
C5' UPV A 4 -4.88 -3.21 1.37
O5' UPV A 4 -4.52 -3.98 2.51
OB1 UPV A 4 -0.36 1.12 0.26
OB2 UPV A 4 0.85 2.10 -1.31
CD1 UPV A 4 0.41 2.96 2.17
CD2 UPV A 4 1.58 4.22 0.35
CD3 UPV A 4 2.62 2.15 1.31
OP2 UPV A 4 -4.92 -5.62 4.37
HN3 UPV A 4 1.25 -1.69 5.12
H5 UPV A 4 -2.09 -4.24 5.51
H6 UPV A 4 -3.02 -3.23 3.53
H5' UPV A 4 -5.77 -2.62 1.62
H1' UPV A 4 -1.65 -0.27 1.91
HD1 UPV A 4 -0.46 3.56 1.92
HD1A UPV A 4 0.09 1.97 2.49
HD1B UPV A 4 0.97 3.44 2.97
H2' UPV A 4 -0.49 -2.56 0.96
HD2 UPV A 4 1.89 4.89 1.15
HD2A UPV A 4 0.67 4.60 -0.10
HD2B UPV A 4 2.36 4.14 -0.40
H3' UPV A 4 -2.40 -3.92 1.10
HD3 UPV A 4 2.43 1.15 1.68
HD3A UPV A 4 3.27 2.11 0.42
HD3B UPV A 4 3.12 2.74 2.08
H4' UPV A 4 -4.14 -1.67 0.09
H5'A UPV A 4 -5.12 -3.89 0.55
HA UPV A 4 0.52 -0.23 -1.17
HAA UPV A 4 0.66 -0.75 0.54
OP1 UPV A 4 -6.28 -5.74 2.22
P UPV A 4 -5.28 -4.45 2.79
N1 UPV A 4 -0.92 -1.68 3.02
C2 UPV A 4 0.37 -1.38 3.44
O2 UPV A 4 1.04 -0.48 2.94
N3 UPV A 4 0.88 -2.17 4.46
C4 UPV A 4 0.21 -3.21 5.11
O4 UPV A 4 0.74 -3.82 6.03
C5 UPV A 4 -1.13 -3.43 4.61
C6 UPV A 4 -1.63 -2.68 3.60
CA UPV A 4 0.37 0.43 -0.20
CB UPV A 4 0.85 2.72 0.01
CG UPV A 4 1.96 3.32 0.87
C1' UPV A 4 -1.47 -0.87 1.93
C2' UPV A 4 -1.06 -1.41 0.57
O2' UPV A 4 -0.94 -0.34 -0.39
C3' UPV A 4 -2.23 -2.34 0.23
O3' UPV A 4 -2.38 -2.54 -1.17
C4' UPV A 4 -3.40 -1.55 0.83
O4' UPV A 4 -2.91 -0.85 1.99
C5' UPV A 4 -4.55 -2.47 1.20
O5' UPV A 4 -4.20 -3.42 2.21
OB1 UPV A 4 0.08 1.75 0.51
OB2 UPV A 4 0.67 3.10 -1.14
CD1 UPV A 4 1.81 4.84 0.91
CD2 UPV A 4 3.32 2.95 0.27
CD3 UPV A 4 1.86 2.77 2.29
OP2 UPV A 4 -4.61 -5.35 3.75
HN3 UPV A 4 1.81 -1.96 4.78
H5 UPV A 4 -1.74 -4.22 5.05
H6 UPV A 4 -2.65 -2.88 3.25
H5' UPV A 4 -5.38 -1.86 1.57
H1' UPV A 4 -1.11 0.16 2.03
HD1 UPV A 4 2.44 5.26 1.68
HD1A UPV A 4 2.08 5.27 -0.06
HD1B UPV A 4 0.77 5.09 1.13
H2' UPV A 4 -0.14 -1.97 0.65
HD2 UPV A 4 3.43 1.87 0.26
HD2A UPV A 4 4.12 3.39 0.88
HD2B UPV A 4 3.39 3.33 -0.74
H3' UPV A 4 -2.11 -3.28 0.76
HD3 UPV A 4 0.89 3.02 2.71
HD3A UPV A 4 1.96 1.68 2.27
HD3B UPV A 4 2.65 3.20 2.91
H4' UPV A 4 -3.74 -0.81 0.10
H5'A UPV A 4 -4.87 -3.02 0.31
HA UPV A 4 0.81 0.63 -1.18
HAA UPV A 4 1.04 -0.17 0.41
OP1 UPV A 4 -6.00 -5.04 1.64
P UPV A 4 -5.71 -4.92 4.20
N1 UPV A 4 -1.49 -2.22 3.86
C2 UPV A 4 -0.18 -1.93 4.21
O2 UPV A 4 0.50 -1.13 3.57
N3 UPV A 4 0.32 -2.58 5.32
C4 UPV A 4 -0.37 -3.48 6.11
O4 UPV A 4 0.17 -4.00 7.10
C5 UPV A 4 -1.72 -3.73 5.68
C6 UPV A 4 -2.22 -3.11 4.58
CA UPV A 4 -0.22 -0.52 0.41
CB UPV A 4 0.24 1.77 0.56
CG UPV A 4 1.25 2.52 1.42
C1' UPV A 4 -2.05 -1.56 2.67
C2' UPV A 4 -1.60 -2.27 1.40
O2' UPV A 4 -1.48 -1.36 0.30
C3' UPV A 4 -2.73 -3.25 1.17
O3' UPV A 4 -2.86 -3.63 -0.20
C4' UPV A 4 -3.93 -2.45 1.66
O4' UPV A 4 -3.48 -1.59 2.70
C5' UPV A 4 -5.04 -3.37 2.17
O5' UPV A 4 -4.64 -4.09 3.34
OB1 UPV A 4 -0.51 0.82 1.09
OB2 UPV A 4 0.11 2.05 -0.63
CD1 UPV A 4 2.61 1.83 1.36
CD2 UPV A 4 0.77 2.53 2.87
CD3 UPV A 4 1.40 3.97 0.93
OP2 UPV A 4 -5.02 -5.58 5.33
HN3 UPV A 4 1.28 -2.39 5.57
H5 UPV A 4 -2.35 -4.42 6.24
H6 UPV A 4 -3.24 -3.34 4.27
H5' UPV A 4 -5.91 -2.76 2.42
H1' UPV A 4 -1.71 -0.53 2.64
HD1 UPV A 4 2.52 0.83 1.76
HD1A UPV A 4 2.94 1.77 0.31
HD1B UPV A 4 3.34 2.40 1.93
H2' UPV A 4 -0.65 -2.80 1.57
HD2 UPV A 4 1.48 3.09 3.49
HD2A UPV A 4 0.69 1.51 3.24
HD2B UPV A 4 -0.20 3.02 2.93
H3' UPV A 4 -2.58 -4.13 1.81
HD3 UPV A 4 2.09 4.00 0.09
HD3A UPV A 4 0.43 4.35 0.62
HD3B UPV A 4 1.79 4.58 1.74
H4' UPV A 4 -4.31 -1.86 0.83
H5'A UPV A 4 -5.31 -4.09 1.39
HA UPV A 4 0.17 -0.33 -0.59
HAA UPV A 4 0.52 -1.06 1.00
OP1 UPV A 4 -6.51 -5.76 3.28
P UPV A 4 -5.43 -4.74 3.38
N1 UPV A 4 -1.35 -1.80 3.20
C2 UPV A 4 -0.05 -1.47 3.54
O2 UPV A 4 0.59 -0.59 2.96
N3 UPV A 4 0.50 -2.19 4.59
C4 UPV A 4 -0.13 -3.20 5.31
O4 UPV A 4 0.46 -3.79 6.20
C5 UPV A 4 -1.48 -3.48 4.87
C6 UPV A 4 -2.03 -2.78 3.84
CA UPV A 4 -0.20 0.16 -0.30
CB UPV A 4 0.78 2.29 -0.15
CG UPV A 4 1.39 3.10 0.99
C1' UPV A 4 -1.98 -1.02 2.11
C2' UPV A 4 -1.60 -1.57 0.75
O2' UPV A 4 -1.55 -0.55 -0.26
C3' UPV A 4 -2.73 -2.56 0.49
O3' UPV A 4 -2.95 -2.79 -0.92
C4' UPV A 4 -3.91 -1.85 1.13
O4' UPV A 4 -3.41 -1.08 2.21
C5' UPV A 4 -4.97 -2.85 1.58
O5' UPV A 4 -4.45 -3.74 2.58
OB1 UPV A 4 -0.37 1.65 0.02
OB2 UPV A 4 1.35 2.25 -1.25
CD1 UPV A 4 2.88 2.78 1.11
CD2 UPV A 4 0.68 2.74 2.30
CD3 UPV A 4 1.21 4.59 0.70
OP2 UPV A 4 -4.65 -5.47 4.39
HN3 UPV A 4 1.45 -1.96 4.86
H5 UPV A 4 -2.06 -4.24 5.37
H6 UPV A 4 -3.05 -3.03 3.52
H5' UPV A 4 -5.81 -2.31 2.00
H1' UPV A 4 -1.65 0.01 2.18
HD1 UPV A 4 3.41 3.19 0.24
HD1A UPV A 4 3.28 3.22 2.02
HD1B UPV A 4 3.02 1.70 1.13
H2' UPV A 4 -0.64 -2.10 0.80
HD2 UPV A 4 1.03 1.77 2.66
HD2A UPV A 4 -0.39 2.72 2.14
HD2B UPV A 4 0.92 3.50 3.06
H3' UPV A 4 -2.53 -3.50 1.01
HD3 UPV A 4 0.14 4.82 0.66
HD3A UPV A 4 1.69 5.18 1.49
HD3B UPV A 4 1.66 4.83 -0.26
H4' UPV A 4 -4.35 -1.18 0.39
H5'A UPV A 4 -5.29 -3.44 0.74
HA UPV A 4 0.23 0.06 -1.30
HAA UPV A 4 0.46 -0.29 0.43
OP1 UPV A 4 -6.22 -5.52 2.38
P UPV A 4 -5.82 -5.06 3.89
N1 UPV A 4 -1.60 -2.30 3.44
C2 UPV A 4 -0.29 -1.98 3.77
O2 UPV A 4 0.41 -1.24 3.08
N3 UPV A 4 0.19 -2.53 4.95
C4 UPV A 4 -0.53 -3.35 5.81
O4 UPV A 4 -0.01 -3.78 6.84
C5 UPV A 4 -1.87 -3.63 5.38
C6 UPV A 4 -2.36 -3.11 4.23
CA UPV A 4 -0.32 -0.82 -0.09
CB UPV A 4 0.08 1.48 -0.12
CG UPV A 4 0.83 2.41 0.83
C1' UPV A 4 -2.14 -1.75 2.18
C2' UPV A 4 -1.67 -2.57 0.99
O2' UPV A 4 -1.54 -1.74 -0.18
C3' UPV A 4 -2.82 -3.57 0.84
O3' UPV A 4 -2.94 -4.07 -0.49
C4' UPV A 4 -4.01 -2.71 1.23
O4' UPV A 4 -3.56 -1.75 2.18
C5' UPV A 4 -5.13 -3.57 1.81
O5' UPV A 4 -4.75 -4.24 3.01
OB1 UPV A 4 -0.75 0.57 0.36
OB2 UPV A 4 0.27 1.56 -1.33
CD1 UPV A 4 2.28 1.97 0.94
CD2 UPV A 4 0.16 2.36 2.21
CD3 UPV A 4 0.77 3.85 0.28
OP2 UPV A 4 -5.15 -5.52 5.13
HN3 UPV A 4 1.14 -2.31 5.20
H5 UPV A 4 -2.51 -4.27 5.99
H6 UPV A 4 -3.38 -3.34 3.93
H5' UPV A 4 -5.98 -2.92 2.03
H1' UPV A 4 -1.78 -0.72 2.07
HD1 UPV A 4 2.32 0.96 1.37
HD1A UPV A 4 2.75 1.95 -0.04
HD1B UPV A 4 2.83 2.66 1.58
H2' UPV A 4 -0.74 -3.08 1.21
HD2 UPV A 4 0.67 3.04 2.89
HD2A UPV A 4 0.23 1.34 2.60
HD2B UPV A 4 -0.89 2.64 2.12
H3' UPV A 4 -2.69 -4.38 1.55
HD3 UPV A 4 -0.26 4.15 0.17
HD3A UPV A 4 1.27 4.53 0.98
HD3B UPV A 4 1.27 3.89 -0.68
H4' UPV A 4 -4.38 -2.20 0.34
H5'A UPV A 4 -5.43 -4.32 1.08
HA UPV A 4 0.12 -0.74 -1.08
HAA UPV A 4 0.40 -1.24 0.62
OP1 UPV A 4 -6.50 -6.05 3.04
P UPV A 4 -5.54 -4.45 3.12
N1 UPV A 4 -1.19 -1.64 3.21
C2 UPV A 4 0.10 -1.31 3.60
O2 UPV A 4 0.76 -0.44 3.05
N3 UPV A 4 0.62 -2.05 4.65
C4 UPV A 4 -0.03 -3.08 5.34
O4 UPV A 4 0.52 -3.67 6.26
C5 UPV A 4 -1.37 -3.34 4.85
C6 UPV A 4 -1.89 -2.63 3.83
CA UPV A 4 0.07 0.31 -0.08
CB UPV A 4 0.59 2.59 0.00
CG UPV A 4 1.65 3.28 0.87
C1' UPV A 4 -1.78 -0.87 2.11
C2' UPV A 4 -1.39 -1.47 0.76
O2' UPV A 4 -1.23 -0.48 -0.24
C3' UPV A 4 -2.57 -2.39 0.45
O3' UPV A 4 -2.76 -2.60 -0.94
C4' UPV A 4 -3.73 -1.58 1.06
O4' UPV A 4 -3.21 -0.86 2.18
C5' UPV A 4 -4.87 -2.49 1.49
O5' UPV A 4 -4.47 -3.42 2.50
OB1 UPV A 4 -0.23 1.69 0.53
OB2 UPV A 4 0.50 2.88 -1.19
CD1 UPV A 4 1.34 3.00 2.35
CD2 UPV A 4 1.62 4.78 0.62
CD3 UPV A 4 3.03 2.72 0.52
OP2 UPV A 4 -4.84 -5.36 4.05
HN3 UPV A 4 1.57 -1.85 4.94
H5 UPV A 4 -1.95 -4.14 5.31
H6 UPV A 4 -2.90 -2.86 3.49
H5' UPV A 4 -5.67 -1.88 1.88
H1' UPV A 4 -1.41 0.16 2.14
HD1 UPV A 4 0.37 3.40 2.61
HD1A UPV A 4 1.37 1.93 2.53
HD1B UPV A 4 2.10 3.49 2.97
H2' UPV A 4 -0.47 -2.07 0.86
HD2 UPV A 4 2.18 5.29 1.39
HD2A UPV A 4 0.60 5.15 0.61
HD2B UPV A 4 2.08 4.98 -0.36
H3' UPV A 4 -2.46 -3.33 0.99
HD3 UPV A 4 3.79 3.23 1.14
HD3A UPV A 4 3.06 1.66 0.73
HD3B UPV A 4 3.23 2.90 -0.53
H4' UPV A 4 -4.09 -0.88 0.31
H5'A UPV A 4 -5.21 -3.05 0.62
HA UPV A 4 0.53 0.45 -1.06
HAA UPV A 4 0.74 -0.23 0.58
OP1 UPV A 4 -6.35 -5.03 2.02
P UPV A 4 -5.73 -4.98 3.82
N1 UPV A 4 -1.48 -2.15 3.49
C2 UPV A 4 -0.23 -1.69 3.88
O2 UPV A 4 0.36 -0.82 3.25
N3 UPV A 4 0.31 -2.29 4.99
C4 UPV A 4 -0.27 -3.29 5.76
O4 UPV A 4 0.32 -3.76 6.73
C5 UPV A 4 -1.57 -3.70 5.28
C6 UPV A 4 -2.13 -3.13 4.20
CA UPV A 4 -0.24 -0.48 0.14
CB UPV A 4 -0.02 1.85 0.24
CG UPV A 4 0.98 2.71 1.00
C1' UPV A 4 -2.09 -1.53 2.31
C2' UPV A 4 -1.67 -2.26 1.03
O2' UPV A 4 -1.49 -1.33 -0.05
C3' UPV A 4 -2.83 -3.21 0.80
O3' UPV A 4 -3.01 -3.51 -0.59
C4' UPV A 4 -4.01 -2.40 1.35
O4' UPV A 4 -3.52 -1.56 2.39
C5' UPV A 4 -5.10 -3.33 1.86
O5' UPV A 4 -4.68 -4.10 2.99
OB1 UPV A 4 -0.61 0.83 0.84
OB2 UPV A 4 -0.29 2.10 -0.94
CD1 UPV A 4 2.27 2.86 0.18
CD2 UPV A 4 1.32 2.04 2.33
CD3 UPV A 4 0.38 4.10 1.27
OP2 UPV A 4 -5.02 -5.64 4.95
HN3 UPV A 4 1.24 -1.98 5.28
H5 UPV A 4 -2.12 -4.48 5.81
H6 UPV A 4 -3.11 -3.46 3.86
H5' UPV A 4 -5.97 -2.75 2.16
H1' UPV A 4 -1.75 -0.49 2.24
HD1 UPV A 4 2.62 1.87 -0.11
HD1A UPV A 4 2.07 3.44 -0.72
HD1B UPV A 4 3.03 3.35 0.77
H2' UPV A 4 -0.76 -2.81 1.21
HD2 UPV A 4 1.77 1.07 2.14
HD2A UPV A 4 0.41 1.90 2.92
HD2B UPV A 4 2.02 2.67 2.89
H3' UPV A 4 -2.70 -4.11 1.39
HD3 UPV A 4 0.37 4.67 0.35
HD3A UPV A 4 -0.64 3.97 1.64
HD3B UPV A 4 0.98 4.61 2.03
H4' UPV A 4 -4.43 -1.78 0.56
H5'A UPV A 4 -5.37 -4.02 1.06
HA UPV A 4 0.17 -0.25 -0.85
HAA UPV A 4 0.49 -1.02 0.75
OP1 UPV A 4 -6.52 -5.81 2.88
P UPV A 4 -6.12 -4.31 3.32
N1 UPV A 4 -1.58 -1.78 3.42
C2 UPV A 4 -0.29 -1.47 3.83
O2 UPV A 4 0.40 -0.60 3.29
N3 UPV A 4 0.19 -2.20 4.91
C4 UPV A 4 -0.51 -3.19 5.60
O4 UPV A 4 0.00 -3.76 6.55
C5 UPV A 4 -1.83 -3.43 5.09
C6 UPV A 4 -2.32 -2.73 4.04
CA UPV A 4 -0.19 0.11 0.18
CB UPV A 4 0.34 2.38 0.35
CG UPV A 4 1.25 3.11 1.34
C1' UPV A 4 -2.11 -1.03 2.26
C2' UPV A 4 -1.69 -1.67 0.94
O2' UPV A 4 -1.48 -0.69 -0.06
C3' UPV A 4 -2.90 -2.55 0.65
O3' UPV A 4 -3.04 -2.80 -0.76
C4' UPV A 4 -4.04 -1.69 1.18
O4' UPV A 4 -3.53 -0.95 2.29
C5' UPV A 4 -5.25 -2.54 1.57
O5' UPV A 4 -4.95 -3.44 2.64
OB1 UPV A 4 -0.51 1.47 0.79
OB2 UPV A 4 0.40 2.63 -0.86
CD1 UPV A 4 1.30 4.60 1.01
CD2 UPV A 4 2.65 2.51 1.25
CD3 UPV A 4 0.70 2.90 2.75
OP2 UPV A 4 -5.53 -5.14 4.40
HN3 UPV A 4 1.11 -1.99 5.24
H5 UPV A 4 -2.46 -4.20 5.55
H6 UPV A 4 -3.33 -2.93 3.69
H5' UPV A 4 -6.04 -1.88 1.89
H1' UPV A 4 -1.70 -0.01 2.30
HD1 UPV A 4 0.31 5.03 1.10
HD1A UPV A 4 1.99 5.11 1.68
HD1B UPV A 4 1.65 4.72 -0.02
H2' UPV A 4 -0.80 -2.29 1.08
HD2 UPV A 4 3.31 2.98 1.99
HD2A UPV A 4 3.06 2.67 0.24
HD2B UPV A 4 2.60 1.43 1.44
H3' UPV A 4 -2.85 -3.48 1.20
HD3 UPV A 4 -0.33 3.23 2.79
HD3A UPV A 4 0.76 1.84 3.01
HD3B UPV A 4 1.29 3.47 3.47
H4' UPV A 4 -4.35 -0.98 0.40
H5'A UPV A 4 -5.57 -3.12 0.70
HA UPV A 4 0.33 0.25 -0.77
HAA UPV A 4 0.45 -0.45 0.87
OP1 UPV A 4 -6.90 -4.98 2.26
P UPV A 4 -5.45 -4.87 3.58
N1 UPV A 4 -1.38 -1.94 3.15
C2 UPV A 4 -0.12 -1.49 3.53
O2 UPV A 4 0.48 -0.62 2.89
N3 UPV A 4 0.42 -2.08 4.65
C4 UPV A 4 -0.17 -3.05 5.44
O4 UPV A 4 0.39 -3.48 6.44
C5 UPV A 4 -1.48 -3.46 4.96
C6 UPV A 4 -2.03 -2.89 3.86
CA UPV A 4 -0.15 -0.36 -0.44
CB UPV A 4 -0.01 1.75 0.59
CG UPV A 4 1.12 2.78 0.49
C1' UPV A 4 -1.98 -1.34 1.94
C2' UPV A 4 -1.51 -2.06 0.68
O2' UPV A 4 -1.44 -1.16 -0.43
C3' UPV A 4 -2.59 -3.10 0.50
O3' UPV A 4 -2.72 -3.53 -0.87
C4' UPV A 4 -3.82 -2.35 0.98
O4' UPV A 4 -3.41 -1.43 1.99
C5' UPV A 4 -4.87 -3.31 1.52
O5' UPV A 4 -4.43 -4.03 2.68
OB1 UPV A 4 -0.46 1.14 -0.50
OB2 UPV A 4 -0.51 1.49 1.69
CD1 UPV A 4 2.26 2.36 1.41
CD2 UPV A 4 0.59 4.15 0.91
CD3 UPV A 4 1.63 2.84 -0.95
OP2 UPV A 4 -4.71 -5.42 4.75
HN3 UPV A 4 1.35 -1.76 4.93
H5 UPV A 4 -2.01 -4.24 5.50
H6 UPV A 4 -3.02 -3.21 3.55
H5' UPV A 4 -5.77 -2.76 1.80
H1' UPV A 4 -1.69 -0.29 1.89
HD1 UPV A 4 1.91 2.28 2.44
HD1A UPV A 4 2.66 1.40 1.09
HD1B UPV A 4 3.06 3.11 1.35
H2' UPV A 4 -0.55 -2.53 0.86
HD2 UPV A 4 1.39 4.89 0.81
HD2A UPV A 4 0.26 4.12 1.94
HD2B UPV A 4 -0.25 4.44 0.27
H3' UPV A 4 -2.39 -3.96 1.16
HD3 UPV A 4 0.82 3.18 -1.60
HD3A UPV A 4 2.47 3.53 -1.02
HD3B UPV A 4 1.94 1.85 -1.26
H4' UPV A 4 -4.25 -1.79 0.15
H5'A UPV A 4 -5.12 -4.04 0.75
HA UPV A 4 0.44 -0.62 -1.32
HAA UPV A 4 0.40 -0.57 0.48
OP1 UPV A 4 -6.22 -5.79 2.73
P UPV A 4 -5.16 -4.90 3.85
N1 UPV A 4 -1.02 -2.07 3.54
C2 UPV A 4 0.32 -1.84 3.81
O2 UPV A 4 0.98 -1.04 3.14
N3 UPV A 4 0.87 -2.57 4.85
C4 UPV A 4 0.22 -3.50 5.64
O4 UPV A 4 0.80 -4.08 6.55
C5 UPV A 4 -1.17 -3.67 5.28
C6 UPV A 4 -1.73 -2.98 4.27
CA UPV A 4 0.02 -0.02 0.13
CB UPV A 4 0.48 1.91 1.40
CG UPV A 4 1.42 3.08 1.12
C1' UPV A 4 -1.65 -1.30 2.46
C2' UPV A 4 -1.29 -1.87 1.09
O2' UPV A 4 -1.27 -0.85 0.08
C3' UPV A 4 -2.43 -2.85 0.85
O3' UPV A 4 -2.65 -3.10 -0.54
C4' UPV A 4 -3.60 -2.11 1.49
O4' UPV A 4 -3.07 -1.34 2.58
C5' UPV A 4 -4.65 -3.10 1.99
O5' UPV A 4 -4.16 -3.94 3.04
OB1 UPV A 4 -0.30 1.44 0.44
OB2 UPV A 4 0.45 1.39 2.51
CD1 UPV A 4 2.82 2.55 0.82
CD2 UPV A 4 1.48 3.99 2.34
CD3 UPV A 4 0.91 3.88 -0.08
OP2 UPV A 4 -4.42 -5.50 4.99
HN3 UPV A 4 1.85 -2.40 5.06
H5 UPV A 4 -1.78 -4.39 5.85
H6 UPV A 4 -2.79 -3.15 4.03
H5' UPV A 4 -5.52 -2.55 2.35
H1' UPV A 4 -1.31 -0.26 2.51
HD1 UPV A 4 3.50 3.39 0.61
HD1A UPV A 4 3.19 1.99 1.67
HD1B UPV A 4 2.78 1.90 -0.05
H2' UPV A 4 -0.34 -2.40 1.13
HD2 UPV A 4 0.48 4.33 2.59
HD2A UPV A 4 2.10 4.86 2.12
HD2B UPV A 4 1.91 3.44 3.19
H3' UPV A 4 -2.24 -3.77 1.40
HD3 UPV A 4 -0.16 4.05 0.02
HD3A UPV A 4 1.43 4.84 -0.12
HD3B UPV A 4 1.11 3.33 -0.99
H4' UPV A 4 -4.04 -1.44 0.76
H5'A UPV A 4 -4.94 -3.74 1.15
HA UPV A 4 0.52 -0.07 -0.83
HAA UPV A 4 0.66 -0.42 0.93
OP1 UPV A 4 -5.85 -5.80 2.89
P UPV A 4 -4.70 -5.29 2.94
N1 UPV A 4 -0.63 -2.20 3.09
C2 UPV A 4 0.62 -1.77 3.49
O2 UPV A 4 1.12 -0.73 3.07
N3 UPV A 4 1.28 -2.56 4.41
C4 UPV A 4 0.79 -3.75 4.96
O4 UPV A 4 1.44 -4.37 5.80
C5 UPV A 4 -0.52 -4.12 4.48
C6 UPV A 4 -1.18 -3.35 3.58
CA UPV A 4 0.38 0.25 0.04
CB UPV A 4 0.97 2.51 -0.04
CG UPV A 4 1.85 3.30 0.94
C1' UPV A 4 -1.35 -1.39 2.09
C2' UPV A 4 -0.92 -1.72 0.67
O2' UPV A 4 -0.91 -0.56 -0.15
C3' UPV A 4 -1.99 -2.72 0.23
O3' UPV A 4 -2.18 -2.71 -1.19
C4' UPV A 4 -3.22 -2.19 0.97
O4' UPV A 4 -2.77 -1.60 2.19
C5' UPV A 4 -4.21 -3.31 1.24
O5' UPV A 4 -3.71 -4.29 2.15
OB1 UPV A 4 0.05 1.69 0.44
OB2 UPV A 4 1.11 2.65 -1.24
CD1 UPV A 4 1.32 3.13 2.36
CD2 UPV A 4 1.83 4.79 0.57
CD3 UPV A 4 3.29 2.77 0.87
OP2 UPV A 4 -3.92 -6.02 3.96
HN3 UPV A 4 2.19 -2.26 4.71
H5 UPV A 4 -0.99 -5.02 4.86
H6 UPV A 4 -2.16 -3.66 3.23
H5' UPV A 4 -5.11 -2.87 1.68
H1' UPV A 4 -1.14 -0.33 2.28
HD1 UPV A 4 0.32 3.56 2.42
HD1A UPV A 4 1.26 2.06 2.60
HD1B UPV A 4 1.98 3.63 3.06
H2' UPV A 4 0.06 -2.20 0.69
HD2 UPV A 4 0.79 5.13 0.56
HD2A UPV A 4 2.28 4.93 -0.41
HD2B UPV A 4 2.38 5.35 1.32
H3' UPV A 4 -1.75 -3.71 0.59
HD3 UPV A 4 3.27 1.68 0.87
HD3A UPV A 4 3.77 3.13 -0.04
HD3B UPV A 4 3.85 3.11 1.74
H4' UPV A 4 -3.69 -1.42 0.36
H5'A UPV A 4 -4.46 -3.81 0.31
HA UPV A 4 0.92 0.28 -0.92
HAA UPV A 4 0.98 -0.21 0.81
OP1 UPV A 4 -5.48 -6.06 1.93
P UPV A 4 -5.32 -4.71 2.71
N1 UPV A 4 -1.01 -1.86 3.07
C2 UPV A 4 0.23 -1.47 3.54
O2 UPV A 4 0.83 -0.48 3.11
N3 UPV A 4 0.78 -2.27 4.53
C4 UPV A 4 0.19 -3.40 5.08
O4 UPV A 4 0.77 -4.05 5.97
C5 UPV A 4 -1.09 -3.73 4.52
C6 UPV A 4 -1.64 -2.97 3.55
CA UPV A 4 0.27 0.41 -0.06
CB UPV A 4 1.00 2.63 -0.06
CG UPV A 4 1.86 3.36 0.99
C1' UPV A 4 -1.62 -1.03 2.02
C2' UPV A 4 -1.14 -1.46 0.64
O2' UPV A 4 -1.04 -0.34 -0.25
C3' UPV A 4 -2.24 -2.44 0.23
O3' UPV A 4 -2.34 -2.56 -1.20
C4' UPV A 4 -3.47 -1.76 0.83
O4' UPV A 4 -3.05 -1.14 2.05
C5' UPV A 4 -4.58 -2.75 1.08
O5' UPV A 4 -4.21 -3.75 2.05
OB1 UPV A 4 0.00 1.87 0.33
OB2 UPV A 4 1.25 2.76 -1.25
CD1 UPV A 4 1.96 4.84 0.62
CD2 UPV A 4 3.27 2.74 1.02
CD3 UPV A 4 1.20 3.22 2.36
OP2 UPV A 4 -4.64 -5.66 3.63
HN3 UPV A 4 1.70 -2.01 4.87
H5 UPV A 4 -1.65 -4.59 4.90
H6 UPV A 4 -2.59 -3.27 3.12
H5' UPV A 4 -5.46 -2.22 1.47
H1' UPV A 4 -1.34 0.01 2.18
HD1 UPV A 4 0.98 5.29 0.69
HD1A UPV A 4 2.63 5.34 1.31
HD1B UPV A 4 2.34 4.94 -0.40
H2' UPV A 4 -0.19 -1.98 0.73
HD2 UPV A 4 3.21 1.74 1.47
HD2A UPV A 4 3.93 3.37 1.61
HD2B UPV A 4 3.65 2.65 0.01
H3' UPV A 4 -2.07 -3.40 0.70
HD3 UPV A 4 1.81 3.73 3.10
HD3A UPV A 4 0.21 3.69 2.32
HD3B UPV A 4 1.10 2.17 2.62
H4' UPV A 4 -3.82 -0.98 0.14
H5'A UPV A 4 -4.84 -3.25 0.15
HA UPV A 4 0.82 0.41 -1.02
HAA UPV A 4 0.86 -0.07 0.71
OP1 UPV A 4 -6.20 -5.24 1.65
P UPV A 4 -4.87 -5.40 3.59
N1 UPV A 4 -0.88 -2.29 3.48
C2 UPV A 4 0.38 -1.88 3.85
O2 UPV A 4 0.95 -0.94 3.29
N3 UPV A 4 0.98 -2.58 4.88
C4 UPV A 4 0.42 -3.66 5.55
O4 UPV A 4 1.02 -4.21 6.47
C5 UPV A 4 -0.90 -4.02 5.10
C6 UPV A 4 -1.50 -3.34 4.09
CA UPV A 4 0.05 -0.06 0.24
CB UPV A 4 0.27 2.27 0.47
CG UPV A 4 1.19 3.07 1.39
C1' UPV A 4 -1.55 -1.54 2.40
C2' UPV A 4 -1.13 -2.05 1.02
O2' UPV A 4 -1.14 -1.00 0.05
C3' UPV A 4 -2.22 -3.08 0.73
O3' UPV A 4 -2.41 -3.26 -0.67
C4' UPV A 4 -3.44 -2.43 1.38
O4' UPV A 4 -2.98 -1.66 2.49
C5' UPV A 4 -4.44 -3.48 1.83
O5' UPV A 4 -3.93 -4.32 2.87
OB1 UPV A 4 -0.40 1.23 0.93
OB2 UPV A 4 0.16 2.60 -0.71
CD1 UPV A 4 0.93 4.56 1.19
CD2 UPV A 4 2.66 2.78 1.05
CD3 UPV A 4 0.92 2.69 2.84
OP2 UPV A 4 -4.08 -6.09 4.63
HN3 UPV A 4 1.90 -2.29 5.17
H5 UPV A 4 -1.42 -4.85 5.57
H6 UPV A 4 -2.50 -3.63 3.77
H5' UPV A 4 -5.33 -2.98 2.20
H1' UPV A 4 -1.28 -0.48 2.48
HD1 UPV A 4 1.20 4.85 0.18
HD1A UPV A 4 -0.13 4.77 1.37
HD1B UPV A 4 1.53 5.14 1.90
H2' UPV A 4 -0.15 -2.53 1.08
HD2 UPV A 4 3.30 3.43 1.63
HD2A UPV A 4 2.81 2.97 -0.01
HD2B UPV A 4 2.89 1.74 1.26
H3' UPV A 4 -1.98 -4.02 1.23
HD3 UPV A 4 1.14 1.64 3.01
HD3A UPV A 4 1.54 3.30 3.51
HD3B UPV A 4 -0.13 2.87 3.08
H4' UPV A 4 -3.91 -1.77 0.66
H5'A UPV A 4 -4.71 -4.11 0.97
HA UPV A 4 0.49 0.18 -0.73
HAA UPV A 4 0.79 -0.55 0.88
OP1 UPV A 4 -5.55 -6.21 2.55
P UPV A 4 -4.55 -4.58 2.77
N1 UPV A 4 -0.60 -1.46 2.96
C2 UPV A 4 0.66 -1.07 3.40
O2 UPV A 4 1.24 -0.07 2.97
N3 UPV A 4 1.24 -1.87 4.38
C4 UPV A 4 0.66 -3.00 4.95
O4 UPV A 4 1.26 -3.63 5.82
C5 UPV A 4 -0.63 -3.32 4.42
C6 UPV A 4 -1.21 -2.56 3.47
CA UPV A 4 0.46 0.93 -0.28
CB UPV A 4 1.13 3.13 0.14
CG UPV A 4 1.74 3.81 1.38
C1' UPV A 4 -1.24 -0.64 1.92
C2' UPV A 4 -0.75 -1.04 0.53
O2' UPV A 4 -0.81 0.06 -0.37
C3' UPV A 4 -1.77 -2.12 0.17
O3' UPV A 4 -1.90 -2.30 -1.25
C4' UPV A 4 -3.04 -1.52 0.76
O4' UPV A 4 -2.66 -0.80 1.94
C5' UPV A 4 -4.05 -2.61 1.10
O5' UPV A 4 -3.57 -3.53 2.08
OB1 UPV A 4 0.11 2.31 0.29
OB2 UPV A 4 1.59 3.35 -0.97
CD1 UPV A 4 0.91 3.45 2.62
CD2 UPV A 4 1.73 5.33 1.19
CD3 UPV A 4 3.17 3.32 1.57
OP2 UPV A 4 -3.79 -5.41 3.74
HN3 UPV A 4 2.16 -1.61 4.70
H5 UPV A 4 -1.17 -4.20 4.81
H6 UPV A 4 -2.20 -2.84 3.09
H5' UPV A 4 -4.95 -2.14 1.48
H1' UPV A 4 -0.99 0.41 2.08
HD1 UPV A 4 -0.10 3.83 2.50
HD1A UPV A 4 0.88 2.37 2.73
HD1B UPV A 4 1.37 3.90 3.50
H2' UPV A 4 0.25 -1.47 0.59
HD2 UPV A 4 0.71 5.68 1.06
HD2A UPV A 4 2.31 5.59 0.30
HD2B UPV A 4 2.16 5.82 2.05
H3' UPV A 4 -1.53 -3.05 0.66
HD3 UPV A 4 3.61 3.81 2.45
HD3A UPV A 4 3.17 2.24 1.71
HD3B UPV A 4 3.77 3.58 0.69
H4' UPV A 4 -3.47 -0.82 0.05
H5'A UPV A 4 -4.28 -3.17 0.19
HA UPV A 4 0.88 1.05 -1.28
HAA UPV A 4 1.18 0.43 0.37
OP1 UPV A 4 -5.32 -5.27 1.71
P UPV A 4 -5.71 -4.88 2.84
N1 UPV A 4 -1.41 -1.95 3.11
C2 UPV A 4 -0.20 -1.52 3.60
O2 UPV A 4 0.36 -0.51 3.18
N3 UPV A 4 0.36 -2.27 4.62
C4 UPV A 4 -0.18 -3.42 5.19
O4 UPV A 4 0.37 -3.98 6.12
C5 UPV A 4 -1.45 -3.80 4.60
C6 UPV A 4 -2.01 -3.08 3.61
CA UPV A 4 -0.21 0.28 -0.05
CB UPV A 4 0.14 2.58 0.09
CG UPV A 4 1.13 3.35 0.96
C1' UPV A 4 -2.03 -1.18 2.03
C2' UPV A 4 -1.55 -1.65 0.66
O2' UPV A 4 -1.46 -0.57 -0.27
C3' UPV A 4 -2.64 -2.64 0.26
O3' UPV A 4 -2.74 -2.81 -1.15
C4' UPV A 4 -3.87 -1.97 0.85
O4' UPV A 4 -3.46 -1.30 2.05
C5' UPV A 4 -4.98 -2.99 1.14
O5' UPV A 4 -4.61 -3.94 2.13
OB1 UPV A 4 -0.57 1.61 0.62
OB2 UPV A 4 -0.01 2.86 -1.10
CD1 UPV A 4 2.47 2.63 0.98
CD2 UPV A 4 0.57 3.45 2.38
CD3 UPV A 4 1.33 4.76 0.40
OP2 UPV A 4 -5.04 -5.72 3.85
HN3 UPV A 4 1.26 -1.97 4.97
H5 UPV A 4 -1.95 -4.70 4.96
H6 UPV A 4 -2.97 -3.40 3.19
H5' UPV A 4 -5.86 -2.44 1.49
H1' UPV A 4 -1.76 -0.13 2.15
HD1 UPV A 4 3.07 2.91 0.11
HD1A UPV A 4 3.03 2.89 1.90
HD1B UPV A 4 2.31 1.55 0.97
H2' UPV A 4 -0.59 -2.16 0.76
HD2 UPV A 4 0.51 2.46 2.83
HD2A UPV A 4 -0.42 3.90 2.35
HD2B UPV A 4 1.23 4.08 2.98
H3' UPV A 4 -2.47 -3.60 0.75
HD3 UPV A 4 1.91 5.36 1.10
HD3A UPV A 4 1.87 4.70 -0.54
HD3B UPV A 4 0.35 5.22 0.24
H4' UPV A 4 -4.25 -1.24 0.15
H5'A UPV A 4 -5.22 -3.51 0.22
HA UPV A 4 0.26 0.49 -1.02
HAA UPV A 4 0.48 -0.26 0.60
OP1 UPV A 4 -6.54 -5.54 1.79
P UPV A 4 -5.90 -3.96 3.01
N1 UPV A 4 -1.28 -1.41 3.26
C2 UPV A 4 0.00 -1.12 3.68
O2 UPV A 4 0.71 -0.29 3.13
N3 UPV A 4 0.44 -1.81 4.81
C4 UPV A 4 -0.29 -2.77 5.51
O4 UPV A 4 0.19 -3.30 6.51
C5 UPV A 4 -1.61 -3.00 4.97
C6 UPV A 4 -2.05 -2.34 3.89
CA UPV A 4 0.18 0.32 0.00
CB UPV A 4 0.57 2.64 0.15
CG UPV A 4 1.45 3.44 1.10
C1' UPV A 4 -1.79 -0.71 2.06
C2' UPV A 4 -1.35 -1.42 0.78
O2' UPV A 4 -1.08 -0.50 -0.28
C3' UPV A 4 -2.58 -2.28 0.47
O3' UPV A 4 -2.70 -2.57 -0.92
C4' UPV A 4 -3.71 -1.36 0.95
O4' UPV A 4 -3.21 -0.62 2.07
C5' UPV A 4 -4.95 -2.15 1.33
O5' UPV A 4 -4.72 -3.02 2.45
OB1 UPV A 4 -0.20 1.66 0.63
OB2 UPV A 4 0.56 2.90 -1.05
CD1 UPV A 4 0.93 3.28 2.54
CD2 UPV A 4 1.47 4.91 0.71
CD3 UPV A 4 2.88 2.87 1.04
OP2 UPV A 4 -5.31 -4.94 3.94
HN3 UPV A 4 1.38 -1.62 5.11
H5 UPV A 4 -2.25 -3.75 5.46
H6 UPV A 4 -3.05 -2.55 3.51
H5' UPV A 4 -5.75 -1.46 1.58
H1' UPV A 4 -1.37 0.30 2.04
HD1 UPV A 4 -0.11 3.57 2.57
HD1A UPV A 4 1.03 2.23 2.85
HD1B UPV A 4 1.51 3.91 3.22
H2' UPV A 4 -0.50 -2.06 0.98
HD2 UPV A 4 2.01 5.49 1.46
HD2A UPV A 4 0.43 5.28 0.64
HD2B UPV A 4 1.95 5.03 -0.25
H3' UPV A 4 -2.57 -3.19 1.06
HD3 UPV A 4 3.51 3.38 1.78
HD3A UPV A 4 2.85 1.81 1.26
HD3B UPV A 4 3.29 3.02 0.04
H4' UPV A 4 -3.96 -0.66 0.14
H5'A UPV A 4 -5.24 -2.77 0.48
HA UPV A 4 0.70 0.51 -0.94
HAA UPV A 4 0.82 -0.22 0.69
OP1 UPV A 4 -6.70 -4.43 1.86
P UPV A 4 -5.29 -5.20 3.79
N1 UPV A 4 -1.11 -2.36 3.74
C2 UPV A 4 0.20 -2.10 4.06
O2 UPV A 4 0.89 -1.28 3.45
N3 UPV A 4 0.72 -2.82 5.12
C4 UPV A 4 0.06 -3.80 5.84
O4 UPV A 4 0.64 -4.43 6.74
C5 UPV A 4 -1.30 -4.01 5.43
C6 UPV A 4 -1.84 -3.31 4.40
CA UPV A 4 -0.04 -0.11 0.47
CB UPV A 4 0.34 1.76 1.82
CG UPV A 4 1.08 3.05 1.46
C1' UPV A 4 -1.72 -1.59 2.62
C2' UPV A 4 -1.23 -2.11 1.27
O2' UPV A 4 -1.22 -1.07 0.28
C3' UPV A 4 -2.29 -3.16 0.96
O3' UPV A 4 -2.40 -3.43 -0.44
C4' UPV A 4 -3.55 -2.48 1.50
O4' UPV A 4 -3.14 -1.69 2.64
C5' UPV A 4 -4.61 -3.50 1.88
O5' UPV A 4 -4.20 -4.34 2.97
OB1 UPV A 4 -0.54 1.24 0.98
OB2 UPV A 4 0.55 1.21 2.90
CD1 UPV A 4 0.77 4.11 2.52
CD2 UPV A 4 0.59 3.56 0.10
CD3 UPV A 4 2.58 2.79 1.41
OP2 UPV A 4 -4.62 -5.77 4.98
HN3 UPV A 4 1.67 -2.60 5.40
H5 UPV A 4 -1.92 -4.75 5.93
H6 UPV A 4 -2.87 -3.50 4.11
H5' UPV A 4 -5.50 -2.95 2.19
H1' UPV A 4 -1.45 -0.54 2.72
HD1 UPV A 4 -0.30 4.29 2.56
HD1A UPV A 4 1.12 3.77 3.49
HD1B UPV A 4 1.28 5.04 2.26
H2' UPV A 4 -0.25 -2.57 1.37
HD2 UPV A 4 1.05 4.53 -0.11
HD2A UPV A 4 -0.49 3.66 0.12
HD2B UPV A 4 0.87 2.85 -0.68
H3' UPV A 4 -2.08 -4.07 1.53
HD3 UPV A 4 2.81 2.09 0.61
HD3A UPV A 4 3.11 3.73 1.23
HD3B UPV A 4 2.91 2.37 2.36
H4' UPV A 4 -3.94 -1.80 0.74
H5'A UPV A 4 -4.82 -4.13 1.03
HA UPV A 4 0.46 0.03 -0.50
HAA UPV A 4 0.66 -0.53 1.19
OP1 UPV A 4 -5.97 -6.09 2.83
P UPV A 4 -5.55 -4.77 4.11
N1 UPV A 4 -1.25 -1.87 3.79
C2 UPV A 4 0.03 -1.46 4.10
O2 UPV A 4 0.66 -0.66 3.41
N3 UPV A 4 0.57 -1.97 5.28
C4 UPV A 4 -0.06 -2.86 6.14
O4 UPV A 4 0.51 -3.26 7.15
C5 UPV A 4 -1.39 -3.24 5.72
C6 UPV A 4 -1.93 -2.75 4.59
CA UPV A 4 -0.11 -0.30 0.32
CB UPV A 4 -0.06 2.03 0.50
CG UPV A 4 0.88 2.91 1.33
C1' UPV A 4 -1.84 -1.34 2.55
C2' UPV A 4 -1.35 -2.13 1.34
O2' UPV A 4 -1.25 -1.31 0.18
C3' UPV A 4 -2.47 -3.17 1.21
O3' UPV A 4 -2.56 -3.69 -0.12
C4' UPV A 4 -3.68 -2.34 1.59
O4' UPV A 4 -3.28 -1.40 2.58
C5' UPV A 4 -4.82 -3.23 2.10
O5' UPV A 4 -4.45 -3.96 3.27
OB1 UPV A 4 -0.61 0.95 1.04
OB2 UPV A 4 -0.32 2.33 -0.66
CD1 UPV A 4 0.42 4.36 1.24
CD2 UPV A 4 2.31 2.80 0.78
CD3 UPV A 4 0.84 2.46 2.79
OP2 UPV A 4 -4.90 -5.35 5.31
HN3 UPV A 4 1.50 -1.68 5.52
H5 UPV A 4 -1.99 -3.90 6.35
H6 UPV A 4 -2.93 -3.08 4.30
H5' UPV A 4 -5.67 -2.59 2.35
H1' UPV A 4 -1.52 -0.30 2.45
HD1 UPV A 4 -0.61 4.44 1.58
HD1A UPV A 4 1.06 4.99 1.87
HD1B UPV A 4 0.49 4.70 0.21
H2' UPV A 4 -0.41 -2.61 1.58
HD2 UPV A 4 2.99 3.31 1.47
HD2A UPV A 4 2.35 3.28 -0.19
HD2B UPV A 4 2.59 1.75 0.69
H3' UPV A 4 -2.31 -3.97 1.93
HD3 UPV A 4 1.29 3.23 3.42
HD3A UPV A 4 -0.18 2.29 3.10
HD3B UPV A 4 1.41 1.54 2.90
H4' UPV A 4 -4.03 -1.80 0.71
H5'A UPV A 4 -5.10 -3.93 1.32
HA UPV A 4 0.26 -0.03 -0.67
HAA UPV A 4 0.69 -0.76 0.90
OP1 UPV A 4 -6.28 -5.68 3.19
P UPV A 4 -5.58 -4.50 3.08
N1 UPV A 4 -1.22 -1.85 2.86
C2 UPV A 4 0.07 -1.52 3.25
O2 UPV A 4 0.72 -0.64 2.69
N3 UPV A 4 0.59 -2.24 4.31
C4 UPV A 4 -0.07 -3.24 5.02
O4 UPV A 4 0.48 -3.80 5.97
C5 UPV A 4 -1.41 -3.51 4.54
C6 UPV A 4 -1.92 -2.83 3.50
CA UPV A 4 -0.10 0.14 -0.45
CB UPV A 4 0.18 2.45 -0.22
CG UPV A 4 1.14 3.20 0.70
C1' UPV A 4 -1.82 -1.11 1.72
C2' UPV A 4 -1.41 -1.75 0.41
O2' UPV A 4 -1.31 -0.78 -0.64
C3' UPV A 4 -2.57 -2.72 0.16
O3' UPV A 4 -2.72 -3.05 -1.22
C4' UPV A 4 -3.74 -1.91 0.70
O4' UPV A 4 -3.24 -1.12 1.79
C5' UPV A 4 -4.86 -2.82 1.17
O5' UPV A 4 -4.48 -3.66 2.26
OB1 UPV A 4 -0.52 1.43 0.24
OB2 UPV A 4 0.05 2.80 -1.39
CD1 UPV A 4 0.79 4.70 0.67
CD2 UPV A 4 2.57 3.01 0.20
CD3 UPV A 4 1.01 2.68 2.12
OP2 UPV A 4 -4.90 -5.29 4.13
HN3 UPV A 4 1.52 -2.01 4.61
H5 UPV A 4 -2.00 -4.29 5.03
H6 UPV A 4 -2.92 -3.08 3.16
H5' UPV A 4 -5.71 -2.21 1.49
H1' UPV A 4 -1.46 -0.09 1.75
HD1 UPV A 4 -0.25 4.83 0.97
HD1A UPV A 4 1.45 5.23 1.36
HD1B UPV A 4 0.94 5.09 -0.33
H2' UPV A 4 -0.48 -2.30 0.53
HD2 UPV A 4 2.78 1.95 0.08
HD2A UPV A 4 3.27 3.43 0.93
HD2B UPV A 4 2.70 3.51 -0.76
H3' UPV A 4 -2.42 -3.62 0.76
HD3 UPV A 4 -0.05 2.64 2.39
HD3A UPV A 4 1.44 1.68 2.19
HD3B UPV A 4 1.53 3.34 2.81
H4' UPV A 4 -4.11 -1.25 -0.08
H5'A UPV A 4 -5.17 -3.45 0.34
HA UPV A 4 0.32 0.38 -1.45
HAA UPV A 4 0.64 -0.36 0.16
OP1 UPV A 4 -6.45 -5.21 2.12
P UPV A 4 -5.29 -4.67 4.50
N1 UPV A 4 -1.10 -1.75 3.91
C2 UPV A 4 0.25 -1.52 4.10
O2 UPV A 4 0.94 -0.89 3.30
N3 UPV A 4 0.80 -2.06 5.27
C4 UPV A 4 0.11 -2.78 6.22
O4 UPV A 4 0.69 -3.23 7.22
C5 UPV A 4 -1.29 -2.96 5.94
C6 UPV A 4 -1.84 -2.45 4.82
CA UPV A 4 -0.04 -0.39 0.25
CB UPV A 4 0.50 1.89 0.40
CG UPV A 4 1.26 2.72 1.44
C1' UPV A 4 -1.71 -1.20 2.69
C2' UPV A 4 -1.35 -2.06 1.48
O2' UPV A 4 -1.29 -1.27 0.28
C3' UPV A 4 -2.52 -3.04 1.45
O3' UPV A 4 -2.74 -3.59 0.16
C4' UPV A 4 -3.67 -2.13 1.90
O4' UPV A 4 -3.14 -1.16 2.79
C5' UPV A 4 -4.77 -2.96 2.55
O5' UPV A 4 -4.32 -3.64 3.72
OB1 UPV A 4 -0.38 1.00 0.82
OB2 UPV A 4 0.69 2.07 -0.79
CD1 UPV A 4 2.75 2.35 1.39
CD2 UPV A 4 0.72 2.44 2.84
CD3 UPV A 4 1.10 4.21 1.13
OP2 UPV A 4 -4.58 -5.16 5.70
HN3 UPV A 4 1.79 -1.91 5.43
H5 UPV A 4 -1.92 -3.52 6.63
H6 UPV A 4 -2.90 -2.59 4.63
H5' UPV A 4 -5.59 -2.29 2.83
H1' UPV A 4 -1.33 -0.18 2.52
HD1 UPV A 4 3.26 2.82 2.24
HD1A UPV A 4 2.86 1.27 1.44
HD1B UPV A 4 3.19 2.72 0.46
H2' UPV A 4 -0.41 -2.58 1.65
HD2 UPV A 4 -0.36 2.35 2.81
HD2A UPV A 4 1.01 3.24 3.52
HD2B UPV A 4 1.15 1.50 3.21
H3' UPV A 4 -2.35 -3.81 2.20
HD3 UPV A 4 0.04 4.43 0.97
HD3A UPV A 4 1.47 4.79 1.96
HD3B UPV A 4 1.66 4.45 0.23
H4' UPV A 4 -4.07 -1.63 1.02
H5'A UPV A 4 -5.13 -3.69 1.84
HA UPV A 4 0.27 -0.27 -0.79
HAA UPV A 4 0.74 -0.84 0.84
OP1 UPV A 4 -5.85 -5.63 3.53
#